data_3IN6
#
_entry.id   3IN6
#
_cell.length_a   103.108
_cell.length_b   103.108
_cell.length_c   59.786
_cell.angle_alpha   90.000
_cell.angle_beta   90.000
_cell.angle_gamma   90.000
#
_symmetry.space_group_name_H-M   'P 42 21 2'
#
loop_
_entity.id
_entity.type
_entity.pdbx_description
1 polymer 'FMN-binding protein'
2 non-polymer 'FLAVIN MONONUCLEOTIDE'
3 non-polymer (4S)-2-METHYL-2,4-PENTANEDIOL
4 water water
#
_entity_poly.entity_id   1
_entity_poly.type   'polypeptide(L)'
_entity_poly.pdbx_seq_one_letter_code
;G(MSE)LESVRKEWLEI(MSE)DRELLEKARSLINANYISTTLSTVDRNYEVNIAVISVLE(MSE)IGDDTIICARFGAD
KTYANLKETGKGVF(MSE)VLLTDNDKSKDGIRVYVELSADLQEGEYFDRIKKRLDNTTYKNFPLKNCLVFKIVKILPVS
LLRK
;
_entity_poly.pdbx_strand_id   A,B
#
# COMPACT_ATOMS: atom_id res chain seq x y z
N GLY A 1 -38.55 -6.93 6.58
CA GLY A 1 -39.18 -6.77 7.93
C GLY A 1 -38.32 -5.91 8.82
N LEU A 3 -35.78 -6.75 10.91
CA LEU A 3 -34.35 -7.02 10.80
C LEU A 3 -33.72 -6.34 9.59
N GLU A 4 -34.37 -6.44 8.43
CA GLU A 4 -33.83 -5.84 7.21
C GLU A 4 -33.77 -4.31 7.32
N SER A 5 -34.79 -3.71 7.95
CA SER A 5 -34.81 -2.25 8.10
C SER A 5 -33.69 -1.75 9.01
N VAL A 6 -33.55 -2.36 10.19
CA VAL A 6 -32.55 -1.93 11.16
C VAL A 6 -31.14 -2.16 10.60
N ARG A 7 -30.98 -3.25 9.88
CA ARG A 7 -29.70 -3.55 9.25
C ARG A 7 -29.35 -2.55 8.16
N LYS A 8 -30.35 -2.13 7.38
CA LYS A 8 -30.13 -1.15 6.33
C LYS A 8 -29.73 0.18 6.96
N GLU A 9 -30.34 0.51 8.10
CA GLU A 9 -30.04 1.74 8.83
C GLU A 9 -28.59 1.68 9.32
N TRP A 10 -28.21 0.56 9.93
CA TRP A 10 -26.85 0.39 10.45
C TRP A 10 -25.81 0.61 9.34
N LEU A 11 -26.02 -0.03 8.19
CA LEU A 11 -25.16 0.17 7.02
C LEU A 11 -25.01 1.64 6.64
N GLU A 12 -26.12 2.38 6.64
CA GLU A 12 -26.11 3.81 6.27
C GLU A 12 -25.30 4.65 7.24
N ILE A 13 -25.51 4.42 8.54
CA ILE A 13 -24.77 5.14 9.55
C ILE A 13 -23.28 4.78 9.41
N ASP A 15 -21.70 3.69 6.71
CA ASP A 15 -21.18 4.28 5.50
C ASP A 15 -20.83 5.75 5.69
N ARG A 16 -21.71 6.51 6.34
CA ARG A 16 -21.45 7.94 6.58
C ARG A 16 -20.22 8.13 7.44
N GLU A 17 -20.07 7.27 8.44
CA GLU A 17 -18.90 7.29 9.34
C GLU A 17 -17.63 7.06 8.52
N LEU A 18 -17.65 6.07 7.64
CA LEU A 18 -16.50 5.75 6.81
C LEU A 18 -16.18 6.89 5.84
N LEU A 19 -17.21 7.45 5.20
CA LEU A 19 -17.03 8.58 4.28
C LEU A 19 -16.39 9.77 5.00
N GLU A 20 -16.84 10.07 6.21
CA GLU A 20 -16.29 11.23 6.93
C GLU A 20 -14.86 11.02 7.39
N LYS A 21 -14.57 9.83 7.89
CA LYS A 21 -13.22 9.52 8.31
C LYS A 21 -12.28 9.58 7.12
N ALA A 22 -12.74 9.06 5.98
CA ALA A 22 -11.95 9.09 4.75
C ALA A 22 -11.72 10.52 4.30
N ARG A 23 -12.78 11.33 4.32
CA ARG A 23 -12.72 12.74 3.91
C ARG A 23 -11.62 13.45 4.67
N SER A 24 -11.65 13.33 5.99
CA SER A 24 -10.66 14.00 6.84
C SER A 24 -9.23 13.57 6.56
N LEU A 25 -9.00 12.25 6.53
CA LEU A 25 -7.65 11.72 6.36
C LEU A 25 -7.09 11.96 4.96
N ILE A 26 -7.92 11.81 3.92
CA ILE A 26 -7.44 12.07 2.56
C ILE A 26 -7.10 13.56 2.40
N ASN A 27 -8.04 14.43 2.75
CA ASN A 27 -7.82 15.85 2.53
C ASN A 27 -6.71 16.47 3.39
N ALA A 28 -6.35 15.83 4.50
CA ALA A 28 -5.23 16.31 5.34
C ALA A 28 -3.88 16.19 4.62
N ASN A 29 -3.80 15.26 3.66
CA ASN A 29 -2.60 15.04 2.85
C ASN A 29 -1.37 14.66 3.68
N TYR A 30 -1.49 13.60 4.47
CA TYR A 30 -0.35 13.13 5.26
C TYR A 30 0.69 12.49 4.34
N ILE A 31 1.95 12.61 4.73
CA ILE A 31 3.07 12.00 4.01
C ILE A 31 2.80 10.50 3.91
N SER A 32 2.28 9.94 5.01
CA SER A 32 2.01 8.52 5.10
C SER A 32 0.69 8.14 4.42
N THR A 33 0.61 8.44 3.13
CA THR A 33 -0.53 8.13 2.30
C THR A 33 -0.01 7.43 1.03
N THR A 34 -0.65 6.33 0.63
CA THR A 34 -0.19 5.57 -0.54
C THR A 34 -1.32 5.18 -1.48
N LEU A 35 -0.93 4.82 -2.71
CA LEU A 35 -1.86 4.35 -3.75
C LEU A 35 -1.27 3.04 -4.31
N SER A 36 -1.98 1.93 -4.13
CA SER A 36 -1.52 0.67 -4.61
C SER A 36 -2.27 0.42 -5.92
N THR A 37 -1.54 -0.02 -6.93
CA THR A 37 -2.08 -0.27 -8.29
C THR A 37 -1.63 -1.63 -8.81
N VAL A 38 -2.07 -2.01 -10.02
CA VAL A 38 -1.74 -3.29 -10.63
C VAL A 38 -1.76 -3.18 -12.15
N ASP A 39 -0.97 -4.01 -12.84
CA ASP A 39 -0.98 -4.06 -14.32
C ASP A 39 -1.74 -5.29 -14.80
N ARG A 40 -1.83 -5.43 -16.14
CA ARG A 40 -2.58 -6.52 -16.79
C ARG A 40 -2.08 -7.92 -16.45
N ASN A 41 -0.81 -8.02 -16.05
CA ASN A 41 -0.21 -9.29 -15.66
C ASN A 41 -0.25 -9.55 -14.15
N TYR A 42 -1.03 -8.77 -13.43
CA TYR A 42 -1.24 -8.90 -11.99
C TYR A 42 -0.06 -8.41 -11.13
N GLU A 43 0.89 -7.71 -11.74
CA GLU A 43 2.05 -7.18 -11.00
C GLU A 43 1.55 -5.97 -10.22
N VAL A 44 1.68 -6.02 -8.91
CA VAL A 44 1.18 -4.96 -8.04
C VAL A 44 2.27 -3.95 -7.72
N ASN A 45 1.90 -2.68 -7.68
CA ASN A 45 2.80 -1.61 -7.29
C ASN A 45 2.14 -0.84 -6.18
N ILE A 46 2.97 -0.12 -5.44
CA ILE A 46 2.56 0.82 -4.41
C ILE A 46 3.51 2.04 -4.46
N ALA A 47 2.95 3.23 -4.26
CA ALA A 47 3.72 4.46 -4.31
C ALA A 47 3.14 5.45 -3.31
N VAL A 48 4.01 6.32 -2.79
CA VAL A 48 3.58 7.38 -1.90
C VAL A 48 2.92 8.49 -2.75
N ILE A 49 1.70 8.85 -2.39
CA ILE A 49 0.89 9.84 -3.12
C ILE A 49 0.06 10.67 -2.15
N SER A 50 0.46 11.92 -1.92
CA SER A 50 -0.29 12.77 -0.99
C SER A 50 -0.94 14.07 -1.55
N VAL A 51 -0.70 14.46 -2.82
CA VAL A 51 -1.37 15.67 -3.35
C VAL A 51 -2.78 15.26 -3.80
N LEU A 52 -3.67 15.15 -2.81
CA LEU A 52 -5.03 14.62 -3.01
C LEU A 52 -6.16 15.45 -2.42
N GLU A 53 -7.35 15.18 -2.93
CA GLU A 53 -8.57 15.81 -2.44
C GLU A 53 -9.80 14.94 -2.73
N ILE A 55 -13.82 14.85 -3.02
CA ILE A 55 -14.92 15.75 -3.35
C ILE A 55 -16.22 14.95 -3.24
N GLY A 56 -17.17 15.47 -2.49
CA GLY A 56 -18.44 14.80 -2.27
C GLY A 56 -18.23 13.52 -1.50
N ASP A 57 -18.93 12.48 -1.94
CA ASP A 57 -18.87 11.14 -1.36
C ASP A 57 -18.39 10.12 -2.38
N ASP A 58 -18.16 10.56 -3.62
CA ASP A 58 -17.83 9.65 -4.71
C ASP A 58 -16.54 9.93 -5.49
N THR A 59 -15.78 10.96 -5.13
CA THR A 59 -14.63 11.33 -5.96
C THR A 59 -13.33 11.64 -5.21
N ILE A 60 -12.22 11.17 -5.76
CA ILE A 60 -10.89 11.55 -5.27
C ILE A 60 -10.14 12.07 -6.49
N ILE A 61 -9.52 13.23 -6.35
CA ILE A 61 -8.68 13.80 -7.39
C ILE A 61 -7.26 13.83 -6.85
N CYS A 62 -6.34 13.73 -7.78
CA CYS A 62 -4.95 13.54 -7.44
C CYS A 62 -4.07 14.17 -8.51
N ALA A 63 -3.02 14.86 -8.06
CA ALA A 63 -2.06 15.47 -8.97
C ALA A 63 -1.06 14.40 -9.41
N ARG A 64 -0.88 14.26 -10.71
CA ARG A 64 0.12 13.34 -11.19
C ARG A 64 1.32 14.12 -11.77
N PHE A 65 2.42 14.09 -11.01
CA PHE A 65 3.66 14.75 -11.41
C PHE A 65 4.84 13.76 -11.49
N GLY A 66 4.84 12.71 -10.65
CA GLY A 66 5.84 11.65 -10.72
C GLY A 66 5.05 10.39 -10.99
N ALA A 67 5.21 9.39 -10.12
CA ALA A 67 4.38 8.20 -10.16
C ALA A 67 4.15 7.59 -11.54
N ASP A 68 5.23 7.35 -12.29
CA ASP A 68 5.17 6.80 -13.66
C ASP A 68 4.57 5.41 -13.79
N LYS A 69 5.04 4.47 -12.97
CA LYS A 69 4.53 3.08 -13.00
C LYS A 69 3.07 3.05 -12.53
N THR A 70 2.81 3.75 -11.43
CA THR A 70 1.43 3.92 -10.89
C THR A 70 0.48 4.40 -11.97
N TYR A 71 0.93 5.39 -12.74
CA TYR A 71 0.13 5.95 -13.83
C TYR A 71 -0.08 4.94 -14.95
N ALA A 72 1.00 4.28 -15.38
CA ALA A 72 0.90 3.24 -16.41
C ALA A 72 -0.05 2.12 -15.99
N ASN A 73 0.00 1.71 -14.73
CA ASN A 73 -0.93 0.69 -14.20
C ASN A 73 -2.39 1.15 -14.29
N LEU A 74 -2.65 2.36 -13.81
CA LEU A 74 -4.01 2.91 -13.86
C LEU A 74 -4.55 2.93 -15.28
N LYS A 75 -3.71 3.23 -16.27
CA LYS A 75 -4.18 3.24 -17.66
C LYS A 75 -4.40 1.84 -18.21
N GLU A 76 -3.71 0.83 -17.65
CA GLU A 76 -3.92 -0.56 -18.08
C GLU A 76 -5.15 -1.19 -17.46
N THR A 77 -5.30 -1.05 -16.15
CA THR A 77 -6.37 -1.72 -15.42
C THR A 77 -7.39 -0.80 -14.76
N GLY A 78 -7.01 0.44 -14.45
CA GLY A 78 -7.92 1.38 -13.86
C GLY A 78 -8.25 1.20 -12.38
N LYS A 79 -7.70 0.17 -11.74
CA LYS A 79 -8.06 -0.11 -10.36
C LYS A 79 -6.97 0.21 -9.34
N GLY A 80 -7.38 0.64 -8.17
CA GLY A 80 -6.41 0.98 -7.12
C GLY A 80 -7.01 1.09 -5.74
N VAL A 81 -6.14 1.31 -4.77
CA VAL A 81 -6.59 1.52 -3.41
C VAL A 81 -5.67 2.48 -2.68
N PHE A 82 -6.26 3.54 -2.15
CA PHE A 82 -5.53 4.49 -1.35
C PHE A 82 -5.56 4.01 0.07
N VAL A 84 -4.36 5.61 3.98
CA VAL A 84 -3.73 6.58 4.87
C VAL A 84 -3.55 5.79 6.16
N LEU A 85 -2.40 5.98 6.82
CA LEU A 85 -2.06 5.25 8.03
C LEU A 85 -1.28 6.18 8.96
N LEU A 86 -1.85 6.50 10.10
CA LEU A 86 -1.17 7.34 11.06
C LEU A 86 -0.62 6.44 12.14
N THR A 87 0.66 6.65 12.47
CA THR A 87 1.33 5.95 13.56
C THR A 87 2.20 7.00 14.27
N ASP A 88 2.16 7.03 15.59
CA ASP A 88 2.94 8.01 16.37
C ASP A 88 3.93 7.25 17.22
N ASN A 89 5.22 7.43 16.92
CA ASN A 89 6.29 6.74 17.66
C ASN A 89 6.04 5.23 17.67
N ASP A 90 5.77 4.69 16.49
CA ASP A 90 5.46 3.26 16.31
C ASP A 90 4.33 2.84 17.26
N LYS A 91 3.28 3.64 17.26
CA LYS A 91 2.06 3.35 18.00
C LYS A 91 0.99 3.61 16.96
N SER A 92 0.04 2.69 16.82
CA SER A 92 -1.03 2.88 15.85
C SER A 92 -1.93 4.03 16.32
N LYS A 93 -2.25 4.95 15.41
CA LYS A 93 -3.14 6.08 15.71
C LYS A 93 -4.47 5.98 15.00
N ASP A 94 -4.44 5.88 13.67
CA ASP A 94 -5.66 5.82 12.89
C ASP A 94 -5.35 5.60 11.40
N GLY A 95 -6.38 5.44 10.58
CA GLY A 95 -6.15 5.25 9.14
C GLY A 95 -7.41 4.87 8.39
N ILE A 96 -7.30 4.71 7.09
CA ILE A 96 -8.47 4.35 6.28
C ILE A 96 -7.98 3.73 4.98
N ARG A 97 -8.85 2.95 4.35
CA ARG A 97 -8.58 2.39 3.04
C ARG A 97 -9.69 2.82 2.14
N VAL A 98 -9.33 3.47 1.03
CA VAL A 98 -10.30 3.92 0.06
C VAL A 98 -10.02 3.26 -1.29
N TYR A 99 -10.94 2.40 -1.74
CA TYR A 99 -10.84 1.68 -3.01
C TYR A 99 -11.43 2.48 -4.14
N VAL A 100 -10.70 2.54 -5.25
CA VAL A 100 -11.05 3.42 -6.33
C VAL A 100 -10.94 2.81 -7.74
N GLU A 101 -11.54 3.50 -8.68
CA GLU A 101 -11.42 3.18 -10.10
C GLU A 101 -11.17 4.49 -10.83
N LEU A 102 -10.22 4.50 -11.76
CA LEU A 102 -9.93 5.71 -12.53
C LEU A 102 -11.08 6.08 -13.44
N SER A 103 -11.59 7.30 -13.30
CA SER A 103 -12.68 7.79 -14.13
C SER A 103 -12.20 8.69 -15.25
N ALA A 104 -11.21 9.52 -14.95
CA ALA A 104 -10.72 10.48 -15.92
C ALA A 104 -9.25 10.82 -15.69
N ASP A 105 -8.59 11.17 -16.78
CA ASP A 105 -7.20 11.59 -16.83
C ASP A 105 -7.26 12.91 -17.59
N LEU A 106 -7.20 14.03 -16.88
CA LEU A 106 -7.42 15.32 -17.52
C LEU A 106 -6.27 16.33 -17.41
N GLN A 107 -6.20 17.21 -18.41
CA GLN A 107 -5.18 18.28 -18.49
C GLN A 107 -5.78 19.68 -18.31
N GLU A 108 -7.10 19.77 -18.17
CA GLU A 108 -7.78 21.04 -17.96
C GLU A 108 -9.15 20.80 -17.31
N GLY A 109 -9.83 21.88 -16.94
CA GLY A 109 -11.16 21.79 -16.33
C GLY A 109 -11.14 22.06 -14.84
N GLU A 110 -12.33 22.04 -14.24
CA GLU A 110 -12.50 22.31 -12.82
C GLU A 110 -11.60 21.45 -11.92
N TYR A 111 -11.54 20.15 -12.18
CA TYR A 111 -10.70 19.24 -11.38
C TYR A 111 -9.22 19.59 -11.47
N PHE A 112 -8.75 19.81 -12.69
CA PHE A 112 -7.35 20.18 -12.94
C PHE A 112 -7.00 21.46 -12.20
N ASP A 113 -7.86 22.47 -12.35
CA ASP A 113 -7.67 23.76 -11.69
C ASP A 113 -7.65 23.59 -10.18
N ARG A 114 -8.58 22.80 -9.66
CA ARG A 114 -8.68 22.54 -8.23
C ARG A 114 -7.39 21.91 -7.68
N ILE A 115 -6.95 20.80 -8.29
CA ILE A 115 -5.76 20.11 -7.80
C ILE A 115 -4.48 20.94 -8.00
N LYS A 116 -4.49 21.85 -8.99
CA LYS A 116 -3.34 22.70 -9.26
C LYS A 116 -3.13 23.66 -8.08
N LYS A 117 -4.22 24.29 -7.66
CA LYS A 117 -4.21 25.21 -6.52
C LYS A 117 -3.58 24.51 -5.31
N ARG A 118 -4.05 23.29 -5.03
CA ARG A 118 -3.51 22.52 -3.90
C ARG A 118 -2.01 22.27 -4.06
N LEU A 119 -1.60 21.75 -5.22
CA LEU A 119 -0.19 21.47 -5.49
C LEU A 119 0.72 22.69 -5.34
N ASP A 120 0.20 23.87 -5.68
CA ASP A 120 0.97 25.12 -5.55
C ASP A 120 1.47 25.34 -4.11
N ASN A 121 0.67 24.90 -3.14
CA ASN A 121 1.02 25.04 -1.73
C ASN A 121 1.81 23.86 -1.16
N THR A 122 2.59 23.18 -2.00
CA THR A 122 3.37 22.01 -1.58
C THR A 122 4.87 22.15 -1.88
N THR A 123 5.66 21.26 -1.29
CA THR A 123 7.11 21.21 -1.56
C THR A 123 7.30 20.81 -3.03
N TYR A 124 6.31 20.12 -3.58
CA TYR A 124 6.35 19.68 -4.97
C TYR A 124 5.78 20.74 -5.92
N LYS A 125 5.61 21.97 -5.44
CA LYS A 125 5.08 23.08 -6.25
C LYS A 125 5.81 23.25 -7.59
N ASN A 126 7.13 23.09 -7.57
CA ASN A 126 7.95 23.21 -8.78
C ASN A 126 7.85 22.03 -9.75
N PHE A 127 7.31 20.89 -9.30
CA PHE A 127 7.12 19.74 -10.19
C PHE A 127 5.89 20.02 -11.07
N PRO A 128 6.04 19.88 -12.39
CA PRO A 128 4.92 20.17 -13.26
C PRO A 128 3.78 19.15 -13.16
N LEU A 129 2.55 19.66 -13.22
CA LEU A 129 1.35 18.84 -13.18
C LEU A 129 1.11 18.23 -14.56
N LYS A 130 1.41 16.93 -14.70
CA LYS A 130 1.24 16.23 -15.98
C LYS A 130 -0.20 15.75 -16.22
N ASN A 131 -0.90 15.41 -15.14
CA ASN A 131 -2.27 14.95 -15.23
C ASN A 131 -3.03 15.24 -13.94
N CYS A 132 -4.33 15.43 -14.09
CA CYS A 132 -5.21 15.44 -12.94
C CYS A 132 -5.92 14.09 -13.08
N LEU A 133 -5.75 13.20 -12.11
CA LEU A 133 -6.40 11.92 -12.15
C LEU A 133 -7.69 12.03 -11.36
N VAL A 134 -8.79 11.60 -11.96
CA VAL A 134 -10.08 11.67 -11.30
C VAL A 134 -10.51 10.27 -10.97
N PHE A 135 -10.73 9.98 -9.68
CA PHE A 135 -11.15 8.64 -9.26
C PHE A 135 -12.58 8.59 -8.75
N LYS A 136 -13.23 7.45 -9.00
CA LYS A 136 -14.55 7.17 -8.44
C LYS A 136 -14.29 6.28 -7.25
N ILE A 137 -14.90 6.62 -6.11
CA ILE A 137 -14.75 5.84 -4.90
C ILE A 137 -15.70 4.68 -5.00
N VAL A 138 -15.18 3.48 -4.78
CA VAL A 138 -15.95 2.24 -4.94
C VAL A 138 -16.28 1.55 -3.60
N LYS A 139 -15.43 1.75 -2.60
CA LYS A 139 -15.62 1.15 -1.28
C LYS A 139 -14.63 1.81 -0.32
N ILE A 140 -15.02 1.89 0.96
CA ILE A 140 -14.15 2.45 2.02
C ILE A 140 -14.14 1.47 3.19
N LEU A 141 -12.96 1.01 3.62
CA LEU A 141 -12.90 0.08 4.73
C LEU A 141 -12.00 0.64 5.80
N PRO A 142 -12.21 0.22 7.05
CA PRO A 142 -11.30 0.64 8.11
C PRO A 142 -9.94 -0.03 7.86
N VAL A 143 -8.90 0.41 8.56
CA VAL A 143 -7.55 -0.15 8.41
C VAL A 143 -7.49 -1.66 8.56
N SER A 144 -8.01 -2.20 9.66
CA SER A 144 -8.03 -3.65 9.86
C SER A 144 -9.37 -4.07 10.44
N LEU A 145 -9.85 -5.22 10.00
CA LEU A 145 -11.13 -5.79 10.45
C LEU A 145 -10.87 -7.03 11.31
N LEU A 146 -9.75 -7.05 12.02
CA LEU A 146 -9.38 -8.19 12.84
C LEU A 146 -10.29 -8.31 14.09
N ARG A 147 -10.85 -9.50 14.31
CA ARG A 147 -11.71 -9.76 15.47
C ARG A 147 -10.97 -10.61 16.48
N GLY B 1 32.42 2.31 -23.53
CA GLY B 1 32.13 0.90 -23.17
C GLY B 1 32.46 0.65 -21.71
N LEU B 3 32.88 2.81 -19.52
CA LEU B 3 32.12 3.76 -18.71
C LEU B 3 30.76 3.14 -18.33
N GLU B 4 30.15 2.41 -19.27
CA GLU B 4 28.88 1.70 -19.00
C GLU B 4 29.17 0.55 -18.05
N SER B 5 30.28 -0.13 -18.29
CA SER B 5 30.72 -1.24 -17.45
C SER B 5 30.91 -0.84 -15.97
N VAL B 6 31.46 0.35 -15.72
CA VAL B 6 31.67 0.84 -14.36
C VAL B 6 30.32 1.18 -13.74
N ARG B 7 29.41 1.75 -14.54
CA ARG B 7 28.08 2.05 -14.04
C ARG B 7 27.38 0.76 -13.56
N LYS B 8 27.65 -0.37 -14.21
CA LYS B 8 27.05 -1.64 -13.76
C LYS B 8 27.66 -2.10 -12.42
N GLU B 9 28.98 -2.00 -12.24
CA GLU B 9 29.55 -2.34 -10.93
C GLU B 9 28.69 -1.57 -9.93
N TRP B 10 28.63 -0.26 -10.15
CA TRP B 10 27.90 0.68 -9.30
C TRP B 10 26.48 0.22 -8.98
N LEU B 11 25.75 -0.24 -9.98
CA LEU B 11 24.39 -0.70 -9.80
C LEU B 11 24.27 -1.95 -8.94
N GLU B 12 25.24 -2.86 -9.06
CA GLU B 12 25.25 -4.05 -8.21
C GLU B 12 25.47 -3.62 -6.76
N ILE B 13 26.33 -2.62 -6.55
CA ILE B 13 26.57 -2.10 -5.20
C ILE B 13 25.26 -1.51 -4.65
N ASP B 15 22.17 -2.33 -5.46
CA ASP B 15 21.28 -3.43 -5.11
C ASP B 15 21.63 -4.04 -3.76
N ARG B 16 22.92 -4.18 -3.47
CA ARG B 16 23.36 -4.77 -2.20
C ARG B 16 22.98 -3.84 -1.05
N GLU B 17 23.19 -2.55 -1.23
CA GLU B 17 22.79 -1.58 -0.20
C GLU B 17 21.27 -1.66 0.06
N LEU B 18 20.49 -1.73 -1.01
CA LEU B 18 19.02 -1.81 -0.90
C LEU B 18 18.58 -3.11 -0.21
N LEU B 19 19.27 -4.21 -0.50
CA LEU B 19 18.95 -5.50 0.13
C LEU B 19 19.18 -5.42 1.63
N GLU B 20 20.34 -4.91 2.02
CA GLU B 20 20.65 -4.79 3.45
C GLU B 20 19.73 -3.81 4.13
N LYS B 21 19.37 -2.72 3.45
CA LYS B 21 18.42 -1.77 4.00
C LYS B 21 17.06 -2.44 4.17
N ALA B 22 16.65 -3.24 3.18
CA ALA B 22 15.38 -3.95 3.25
C ALA B 22 15.38 -4.91 4.43
N ARG B 23 16.51 -5.59 4.66
CA ARG B 23 16.64 -6.57 5.74
C ARG B 23 16.37 -5.94 7.10
N SER B 24 17.00 -4.81 7.39
CA SER B 24 16.78 -4.11 8.66
C SER B 24 15.35 -3.62 8.81
N LEU B 25 14.76 -3.12 7.72
CA LEU B 25 13.40 -2.56 7.80
C LEU B 25 12.35 -3.63 7.99
N ILE B 26 12.47 -4.72 7.24
CA ILE B 26 11.51 -5.83 7.32
C ILE B 26 11.58 -6.55 8.64
N ASN B 27 12.79 -6.94 9.06
CA ASN B 27 12.96 -7.64 10.34
C ASN B 27 12.65 -6.77 11.56
N ALA B 28 12.61 -5.45 11.37
CA ALA B 28 12.30 -4.53 12.47
C ALA B 28 10.83 -4.64 12.86
N ASN B 29 10.00 -5.10 11.92
CA ASN B 29 8.57 -5.29 12.14
C ASN B 29 7.82 -4.03 12.58
N TYR B 30 8.03 -2.94 11.86
CA TYR B 30 7.32 -1.69 12.15
C TYR B 30 5.82 -1.90 11.93
N ILE B 31 5.00 -1.20 12.70
CA ILE B 31 3.55 -1.32 12.55
C ILE B 31 3.13 -0.66 11.23
N SER B 32 3.98 0.20 10.70
CA SER B 32 3.73 0.87 9.44
C SER B 32 4.30 0.05 8.29
N THR B 33 3.92 -1.23 8.24
CA THR B 33 4.35 -2.14 7.18
C THR B 33 3.11 -2.74 6.52
N THR B 34 3.03 -2.60 5.20
CA THR B 34 1.87 -3.08 4.47
C THR B 34 2.25 -4.07 3.40
N LEU B 35 1.23 -4.79 2.95
CA LEU B 35 1.35 -5.74 1.87
C LEU B 35 0.20 -5.45 0.94
N SER B 36 0.48 -5.20 -0.34
CA SER B 36 -0.56 -4.95 -1.34
C SER B 36 -0.68 -6.18 -2.23
N THR B 37 -1.92 -6.52 -2.55
CA THR B 37 -2.23 -7.73 -3.29
C THR B 37 -3.35 -7.47 -4.31
N VAL B 38 -3.69 -8.48 -5.10
CA VAL B 38 -4.73 -8.30 -6.11
C VAL B 38 -5.46 -9.62 -6.42
N ASP B 39 -6.76 -9.53 -6.70
CA ASP B 39 -7.52 -10.72 -7.11
C ASP B 39 -7.55 -10.82 -8.64
N ARG B 40 -8.14 -11.89 -9.15
CA ARG B 40 -8.21 -12.16 -10.60
C ARG B 40 -8.99 -11.09 -11.39
N ASN B 41 -9.87 -10.36 -10.69
CA ASN B 41 -10.69 -9.30 -11.28
CA ASN B 41 -10.69 -9.30 -11.32
C ASN B 41 -10.01 -7.93 -11.17
N TYR B 42 -8.71 -7.94 -10.84
CA TYR B 42 -7.88 -6.73 -10.69
C TYR B 42 -8.21 -5.78 -9.54
N GLU B 43 -8.97 -6.26 -8.55
CA GLU B 43 -9.28 -5.48 -7.37
C GLU B 43 -8.04 -5.50 -6.50
N VAL B 44 -7.40 -4.34 -6.34
CA VAL B 44 -6.20 -4.24 -5.51
C VAL B 44 -6.59 -4.08 -4.04
N ASN B 45 -5.82 -4.72 -3.16
CA ASN B 45 -6.01 -4.60 -1.73
C ASN B 45 -4.69 -4.24 -1.09
N ILE B 46 -4.77 -3.72 0.13
CA ILE B 46 -3.62 -3.41 0.96
C ILE B 46 -4.04 -3.65 2.41
N ALA B 47 -3.14 -4.22 3.21
CA ALA B 47 -3.41 -4.46 4.60
C ALA B 47 -2.14 -4.30 5.38
N VAL B 48 -2.27 -3.95 6.66
CA VAL B 48 -1.11 -3.85 7.50
C VAL B 48 -0.67 -5.28 7.89
N ILE B 49 0.57 -5.62 7.56
CA ILE B 49 1.15 -6.93 7.86
C ILE B 49 2.57 -6.70 8.35
N SER B 50 2.79 -6.94 9.64
CA SER B 50 4.09 -6.70 10.28
C SER B 50 4.82 -7.90 10.90
N VAL B 51 4.15 -9.02 11.13
CA VAL B 51 4.81 -10.18 11.73
C VAL B 51 5.64 -10.88 10.65
N LEU B 52 6.83 -10.33 10.41
CA LEU B 52 7.68 -10.75 9.29
C LEU B 52 9.14 -11.01 9.64
N GLU B 53 9.80 -11.78 8.78
CA GLU B 53 11.22 -12.04 8.89
C GLU B 53 11.80 -12.33 7.51
N ILE B 55 14.63 -14.06 5.41
CA ILE B 55 15.60 -15.15 5.54
C ILE B 55 16.54 -15.11 4.33
N GLY B 56 17.84 -15.02 4.59
CA GLY B 56 18.83 -14.96 3.52
C GLY B 56 18.71 -13.72 2.64
N ASP B 57 18.85 -13.93 1.33
CA ASP B 57 18.77 -12.84 0.36
C ASP B 57 17.51 -12.82 -0.51
N ASP B 58 16.70 -13.86 -0.52
CA ASP B 58 15.55 -13.90 -1.43
C ASP B 58 14.24 -14.40 -0.83
N THR B 59 14.15 -14.41 0.49
CA THR B 59 12.95 -14.92 1.13
C THR B 59 12.44 -14.08 2.30
N ILE B 60 11.12 -13.94 2.36
CA ILE B 60 10.42 -13.32 3.48
C ILE B 60 9.37 -14.33 3.95
N ILE B 61 9.32 -14.56 5.26
CA ILE B 61 8.30 -15.42 5.86
C ILE B 61 7.39 -14.49 6.64
N CYS B 62 6.11 -14.86 6.67
CA CYS B 62 5.07 -14.00 7.21
C CYS B 62 4.01 -14.73 8.04
N ALA B 63 3.67 -14.18 9.20
CA ALA B 63 2.63 -14.77 10.05
C ALA B 63 1.28 -14.40 9.51
N ARG B 64 0.43 -15.40 9.27
CA ARG B 64 -0.90 -15.12 8.78
C ARG B 64 -1.96 -15.56 9.78
N PHE B 65 -2.55 -14.59 10.45
CA PHE B 65 -3.61 -14.83 11.44
C PHE B 65 -4.91 -14.10 11.07
N GLY B 66 -4.81 -12.97 10.37
CA GLY B 66 -6.00 -12.24 9.90
C GLY B 66 -5.90 -12.26 8.40
N ALA B 67 -5.91 -11.09 7.77
CA ALA B 67 -5.63 -10.98 6.34
C ALA B 67 -6.41 -11.90 5.42
N ASP B 68 -7.71 -12.03 5.64
CA ASP B 68 -8.53 -12.94 4.83
C ASP B 68 -8.49 -12.63 3.34
N LYS B 69 -8.75 -11.38 2.97
CA LYS B 69 -8.72 -11.00 1.55
C LYS B 69 -7.31 -11.06 0.99
N THR B 70 -6.35 -10.57 1.76
CA THR B 70 -4.94 -10.60 1.37
C THR B 70 -4.49 -12.01 1.06
N TYR B 71 -4.86 -12.95 1.93
CA TYR B 71 -4.51 -14.36 1.74
C TYR B 71 -5.20 -14.92 0.49
N ALA B 72 -6.48 -14.62 0.35
CA ALA B 72 -7.25 -15.10 -0.80
C ALA B 72 -6.62 -14.58 -2.11
N ASN B 73 -6.25 -13.31 -2.13
CA ASN B 73 -5.60 -12.70 -3.31
C ASN B 73 -4.32 -13.44 -3.68
N LEU B 74 -3.46 -13.68 -2.68
CA LEU B 74 -2.20 -14.38 -2.91
C LEU B 74 -2.40 -15.77 -3.48
N LYS B 75 -3.43 -16.49 -3.03
CA LYS B 75 -3.72 -17.82 -3.56
C LYS B 75 -4.23 -17.76 -5.00
N GLU B 76 -4.93 -16.68 -5.38
CA GLU B 76 -5.43 -16.53 -6.75
C GLU B 76 -4.36 -16.00 -7.71
N THR B 77 -3.65 -14.93 -7.34
CA THR B 77 -2.67 -14.29 -8.24
C THR B 77 -1.20 -14.41 -7.84
N GLY B 78 -0.94 -14.61 -6.55
CA GLY B 78 0.43 -14.85 -6.08
C GLY B 78 1.37 -13.67 -5.97
N LYS B 79 1.04 -12.54 -6.58
CA LYS B 79 1.93 -11.38 -6.56
C LYS B 79 1.57 -10.34 -5.51
N GLY B 80 2.57 -9.66 -4.98
CA GLY B 80 2.36 -8.61 -3.99
C GLY B 80 3.56 -7.71 -3.81
N VAL B 81 3.43 -6.72 -2.95
CA VAL B 81 4.55 -5.83 -2.62
C VAL B 81 4.42 -5.34 -1.20
N PHE B 82 5.53 -5.44 -0.46
CA PHE B 82 5.61 -4.95 0.91
C PHE B 82 6.18 -3.54 0.91
N VAL B 84 7.59 -0.56 3.84
CA VAL B 84 7.85 -0.10 5.20
C VAL B 84 8.00 1.41 5.01
N LEU B 85 7.06 2.18 5.55
CA LEU B 85 7.09 3.63 5.38
C LEU B 85 7.28 4.28 6.72
N LEU B 86 8.34 5.06 6.83
CA LEU B 86 8.65 5.76 8.07
C LEU B 86 8.54 7.25 7.80
N THR B 87 7.88 7.99 8.67
CA THR B 87 7.71 9.42 8.45
C THR B 87 7.54 10.25 9.72
N ASP B 88 8.04 11.48 9.66
CA ASP B 88 7.90 12.46 10.74
C ASP B 88 6.54 13.14 10.70
N ASN B 89 5.73 12.86 9.68
CA ASN B 89 4.43 13.52 9.51
C ASN B 89 4.63 15.03 9.37
N ASP B 90 5.83 15.42 8.95
CA ASP B 90 6.19 16.82 8.80
C ASP B 90 6.87 16.97 7.44
N LYS B 91 8.15 16.67 7.37
CA LYS B 91 8.89 16.77 6.11
C LYS B 91 9.54 15.44 5.72
N SER B 92 9.90 14.62 6.71
CA SER B 92 10.68 13.41 6.48
C SER B 92 9.94 12.16 6.06
N LYS B 93 10.55 11.40 5.16
CA LYS B 93 10.06 10.11 4.71
C LYS B 93 11.25 9.18 4.41
N ASP B 94 11.09 7.91 4.72
CA ASP B 94 12.10 6.90 4.38
C ASP B 94 11.39 5.54 4.34
N GLY B 95 12.08 4.49 3.90
CA GLY B 95 11.51 3.16 3.90
C GLY B 95 12.01 2.29 2.76
N ILE B 96 11.19 1.35 2.32
CA ILE B 96 11.60 0.45 1.26
C ILE B 96 10.40 -0.24 0.62
N ARG B 97 10.54 -0.69 -0.62
CA ARG B 97 9.48 -1.48 -1.25
C ARG B 97 10.12 -2.82 -1.66
N VAL B 98 9.54 -3.92 -1.21
CA VAL B 98 9.99 -5.26 -1.58
C VAL B 98 8.85 -5.96 -2.34
N TYR B 99 9.07 -6.16 -3.63
CA TYR B 99 8.10 -6.80 -4.53
C TYR B 99 8.28 -8.29 -4.39
N VAL B 100 7.15 -9.00 -4.22
CA VAL B 100 7.19 -10.42 -3.90
C VAL B 100 6.21 -11.33 -4.62
N GLU B 101 6.47 -12.64 -4.53
CA GLU B 101 5.58 -13.68 -5.03
C GLU B 101 5.49 -14.78 -3.98
N LEU B 102 4.28 -15.26 -3.71
CA LEU B 102 4.08 -16.31 -2.73
C LEU B 102 4.78 -17.60 -3.18
N SER B 103 5.64 -18.15 -2.34
CA SER B 103 6.38 -19.40 -2.64
C SER B 103 5.72 -20.59 -1.96
N ALA B 104 5.40 -20.41 -0.68
CA ALA B 104 4.81 -21.48 0.11
C ALA B 104 3.74 -20.97 1.06
N ASP B 105 2.82 -21.88 1.37
CA ASP B 105 1.71 -21.66 2.29
C ASP B 105 1.80 -22.83 3.27
N LEU B 106 2.43 -22.59 4.42
CA LEU B 106 2.70 -23.64 5.40
C LEU B 106 1.86 -23.61 6.68
N GLN B 107 1.45 -24.80 7.14
CA GLN B 107 0.70 -24.98 8.40
C GLN B 107 1.60 -25.57 9.51
N GLU B 108 2.72 -26.19 9.13
CA GLU B 108 3.69 -26.69 10.11
C GLU B 108 5.11 -26.67 9.55
N GLY B 109 6.07 -26.92 10.42
CA GLY B 109 7.48 -26.90 10.06
C GLY B 109 8.23 -25.87 10.87
N GLU B 110 9.54 -25.77 10.64
CA GLU B 110 10.38 -24.84 11.38
C GLU B 110 10.12 -23.41 10.96
N TYR B 111 9.62 -23.25 9.73
CA TYR B 111 9.24 -21.94 9.23
C TYR B 111 7.94 -21.58 9.93
N PHE B 112 7.00 -22.52 9.94
CA PHE B 112 5.73 -22.29 10.63
C PHE B 112 5.99 -22.04 12.10
N ASP B 113 6.88 -22.82 12.70
CA ASP B 113 7.17 -22.70 14.12
C ASP B 113 8.01 -21.48 14.47
N ARG B 114 8.93 -21.07 13.60
CA ARG B 114 9.75 -19.88 13.89
C ARG B 114 8.94 -18.60 13.81
N ILE B 115 8.04 -18.51 12.84
CA ILE B 115 7.21 -17.31 12.72
C ILE B 115 6.20 -17.32 13.88
N LYS B 116 5.82 -18.52 14.32
CA LYS B 116 4.91 -18.69 15.46
C LYS B 116 5.58 -18.19 16.73
N LYS B 117 6.88 -18.46 16.87
CA LYS B 117 7.65 -17.97 18.02
C LYS B 117 7.71 -16.44 18.01
N ARG B 118 7.87 -15.86 16.82
CA ARG B 118 7.90 -14.40 16.65
C ARG B 118 6.53 -13.79 16.98
N LEU B 119 5.46 -14.45 16.53
CA LEU B 119 4.10 -13.99 16.80
C LEU B 119 3.79 -13.97 18.29
N ASP B 120 4.33 -14.95 19.02
CA ASP B 120 4.12 -15.08 20.46
C ASP B 120 4.69 -13.91 21.25
N ASN B 121 5.66 -13.20 20.69
CA ASN B 121 6.26 -12.03 21.32
C ASN B 121 5.65 -10.74 20.78
N THR B 122 4.35 -10.77 20.45
CA THR B 122 3.64 -9.60 19.90
C THR B 122 2.26 -9.46 20.55
N THR B 123 1.59 -8.36 20.24
CA THR B 123 0.24 -8.09 20.74
C THR B 123 -0.74 -9.15 20.24
N TYR B 124 -0.42 -9.76 19.10
CA TYR B 124 -1.29 -10.75 18.46
C TYR B 124 -0.95 -12.19 18.84
N LYS B 125 -0.26 -12.36 19.98
CA LYS B 125 0.09 -13.67 20.51
C LYS B 125 -1.13 -14.56 20.65
N ASN B 126 -2.26 -13.96 21.05
CA ASN B 126 -3.51 -14.67 21.24
C ASN B 126 -4.28 -15.03 19.97
N PHE B 127 -3.81 -14.60 18.80
CA PHE B 127 -4.48 -14.94 17.54
C PHE B 127 -3.89 -16.19 16.93
N PRO B 128 -4.72 -17.22 16.69
CA PRO B 128 -4.21 -18.46 16.11
C PRO B 128 -3.50 -18.25 14.77
N LEU B 129 -2.31 -18.81 14.66
CA LEU B 129 -1.52 -18.74 13.45
C LEU B 129 -2.11 -19.74 12.47
N LYS B 130 -2.76 -19.22 11.42
CA LYS B 130 -3.40 -20.07 10.42
C LYS B 130 -2.42 -20.55 9.36
N ASN B 131 -1.56 -19.65 8.90
CA ASN B 131 -0.57 -19.99 7.90
C ASN B 131 0.75 -19.28 8.13
N CYS B 132 1.80 -19.88 7.59
CA CYS B 132 3.09 -19.23 7.51
C CYS B 132 3.32 -19.07 6.01
N LEU B 133 3.22 -17.85 5.51
CA LEU B 133 3.39 -17.58 4.08
C LEU B 133 4.86 -17.32 3.76
N VAL B 134 5.37 -18.03 2.76
CA VAL B 134 6.76 -17.86 2.32
C VAL B 134 6.75 -17.13 0.98
N PHE B 135 7.51 -16.05 0.90
CA PHE B 135 7.58 -15.27 -0.32
C PHE B 135 8.99 -15.30 -0.91
N LYS B 136 9.06 -15.25 -2.24
CA LYS B 136 10.30 -15.07 -2.98
C LYS B 136 10.41 -13.58 -3.33
N ILE B 137 11.58 -12.98 -3.08
CA ILE B 137 11.81 -11.57 -3.36
C ILE B 137 12.11 -11.41 -4.84
N VAL B 138 11.37 -10.53 -5.52
CA VAL B 138 11.54 -10.29 -6.95
C VAL B 138 12.40 -9.06 -7.22
N LYS B 139 12.17 -7.99 -6.47
CA LYS B 139 12.90 -6.74 -6.67
C LYS B 139 12.77 -5.88 -5.42
N ILE B 140 13.80 -5.09 -5.13
CA ILE B 140 13.76 -4.17 -4.00
C ILE B 140 13.98 -2.76 -4.54
N LEU B 141 13.06 -1.85 -4.27
CA LEU B 141 13.22 -0.47 -4.70
C LEU B 141 13.20 0.46 -3.49
N PRO B 142 13.79 1.65 -3.65
CA PRO B 142 13.65 2.67 -2.63
C PRO B 142 12.18 3.11 -2.55
N VAL B 143 11.80 3.76 -1.46
CA VAL B 143 10.42 4.19 -1.22
C VAL B 143 9.80 5.05 -2.30
N SER B 144 10.58 5.91 -2.95
CA SER B 144 10.07 6.76 -4.02
C SER B 144 11.17 7.38 -4.87
N LEU B 145 11.35 6.84 -6.07
CA LEU B 145 12.28 7.36 -7.07
C LEU B 145 11.70 8.69 -7.58
N LEU B 146 12.34 9.82 -7.34
CA LEU B 146 11.80 11.09 -7.86
C LEU B 146 12.92 11.88 -8.56
N ARG B 147 12.83 11.96 -9.89
CA ARG B 147 13.81 12.68 -10.71
C ARG B 147 13.39 14.14 -10.90
#